data_3KQQ
#
_entry.id   3KQQ
#
_cell.length_a   93.992
_cell.length_b   93.992
_cell.length_c   188.858
_cell.angle_alpha   90.000
_cell.angle_beta   90.000
_cell.angle_gamma   90.000
#
_symmetry.space_group_name_H-M   'P 43 21 2'
#
loop_
_entity.id
_entity.type
_entity.pdbx_description
1 polymer 'Phenylethanolamine N-methyltransferase'
2 non-polymer S-ADENOSYL-L-HOMOCYSTEINE
3 non-polymer '2-oxo-1,2-dihydropyridine-3-carboxylic acid'
4 water water
#
_entity_poly.entity_id   1
_entity_poly.type   'polypeptide(L)'
_entity_poly.pdbx_seq_one_letter_code
;MSGADRSPNAGAAPDSAPGQAAVASAYQRFEPRAYLRNNYAPPRGDLCNPNGVGPWKLRCLAQTFATGEVSGRTLIDIGS
GPTVYQLLSACSHFEDITMTDFLEVNRQELGRWLQEEPGAFNWSMYSQHACLIEGKGECWQDKERQLRARVKRVLPIDVH
QPQPLGAGSPAPLPADALVSAFCLEAVSPDLASFQRALDHITTLLRPGGHLLLIGALEESWYLAGEARLTVVPVSEEEVR
EALVRSGYKVRDLRTYIMPAHLQTGVDDVKGVFFAWAQKVGLEHHHHHH
;
_entity_poly.pdbx_strand_id   A,B
#
loop_
_chem_comp.id
_chem_comp.type
_chem_comp.name
_chem_comp.formula
ES6 non-polymer '2-oxo-1,2-dihydropyridine-3-carboxylic acid' 'C6 H5 N O3'
SAH non-polymer S-ADENOSYL-L-HOMOCYSTEINE 'C14 H20 N6 O5 S'
#
# COMPACT_ATOMS: atom_id res chain seq x y z
N ALA A 24 21.54 -34.22 3.60
CA ALA A 24 20.40 -33.95 4.46
C ALA A 24 20.81 -33.23 5.75
N SER A 25 21.88 -33.70 6.37
CA SER A 25 22.41 -33.09 7.59
C SER A 25 22.80 -31.63 7.36
N ALA A 26 22.99 -31.25 6.10
CA ALA A 26 23.37 -29.88 5.77
C ALA A 26 22.30 -28.88 6.24
N TYR A 27 21.05 -29.32 6.23
CA TYR A 27 19.96 -28.45 6.64
C TYR A 27 19.99 -28.21 8.13
N GLN A 28 20.89 -28.91 8.82
CA GLN A 28 21.03 -28.73 10.27
C GLN A 28 21.76 -27.44 10.59
N ARG A 29 22.49 -26.90 9.61
CA ARG A 29 23.20 -25.64 9.80
C ARG A 29 22.40 -24.46 9.26
N PHE A 30 21.26 -24.76 8.65
CA PHE A 30 20.42 -23.78 7.96
C PHE A 30 19.98 -22.62 8.86
N GLU A 31 20.40 -21.41 8.52
CA GLU A 31 20.03 -20.22 9.28
C GLU A 31 18.89 -19.44 8.63
N PRO A 32 17.67 -19.54 9.19
CA PRO A 32 16.46 -18.83 8.76
C PRO A 32 16.70 -17.34 8.43
N ARG A 33 17.30 -16.60 9.35
CA ARG A 33 17.51 -15.18 9.12
C ARG A 33 18.41 -14.93 7.91
N ALA A 34 19.50 -15.68 7.81
CA ALA A 34 20.39 -15.54 6.66
C ALA A 34 19.67 -15.90 5.37
N TYR A 35 18.80 -16.89 5.42
CA TYR A 35 18.03 -17.27 4.24
C TYR A 35 17.09 -16.14 3.83
N LEU A 36 16.38 -15.59 4.81
CA LEU A 36 15.45 -14.48 4.56
C LEU A 36 16.19 -13.25 4.03
N ARG A 37 17.37 -13.02 4.59
CA ARG A 37 18.23 -11.93 4.16
C ARG A 37 18.67 -12.07 2.70
N ASN A 38 19.15 -13.26 2.33
CA ASN A 38 19.67 -13.55 0.99
C ASN A 38 18.62 -13.52 -0.10
N ASN A 39 17.37 -13.78 0.29
CA ASN A 39 16.30 -14.01 -0.68
C ASN A 39 15.13 -13.04 -0.63
N TYR A 40 14.89 -12.43 0.53
CA TYR A 40 13.69 -11.60 0.68
C TYR A 40 13.96 -10.18 1.17
N ALA A 41 15.23 -9.83 1.26
CA ALA A 41 15.66 -8.45 1.43
C ALA A 41 16.32 -8.01 0.11
N PRO A 42 16.47 -6.68 -0.10
CA PRO A 42 17.11 -6.14 -1.32
C PRO A 42 18.43 -6.85 -1.62
N PRO A 43 18.77 -7.02 -2.92
CA PRO A 43 18.03 -6.56 -4.10
C PRO A 43 16.86 -7.47 -4.50
N ARG A 44 16.89 -8.75 -4.12
CA ARG A 44 15.83 -9.66 -4.52
C ARG A 44 14.53 -9.32 -3.84
N GLY A 45 14.64 -8.60 -2.74
CA GLY A 45 13.47 -8.23 -1.96
C GLY A 45 12.86 -6.89 -2.35
N ASP A 46 13.49 -6.15 -3.26
CA ASP A 46 12.91 -4.88 -3.68
C ASP A 46 11.69 -5.15 -4.54
N LEU A 47 10.52 -4.76 -4.06
CA LEU A 47 9.31 -5.05 -4.80
C LEU A 47 8.91 -3.89 -5.72
N CYS A 48 9.62 -2.77 -5.58
CA CYS A 48 9.31 -1.57 -6.34
C CYS A 48 9.43 -1.76 -7.85
N ASN A 49 10.42 -2.54 -8.29
CA ASN A 49 10.61 -2.77 -9.71
C ASN A 49 9.85 -4.00 -10.19
N PRO A 50 8.95 -3.81 -11.16
CA PRO A 50 8.04 -4.83 -11.70
C PRO A 50 8.80 -5.97 -12.37
N ASN A 51 10.05 -5.74 -12.76
CA ASN A 51 10.83 -6.71 -13.49
C ASN A 51 11.57 -7.73 -12.62
N GLY A 52 11.50 -7.56 -11.30
CA GLY A 52 12.20 -8.46 -10.40
C GLY A 52 11.45 -9.74 -10.04
N VAL A 53 12.17 -10.68 -9.44
CA VAL A 53 11.64 -12.00 -9.13
C VAL A 53 10.47 -11.98 -8.13
N GLY A 54 10.57 -11.12 -7.13
CA GLY A 54 9.53 -11.03 -6.12
C GLY A 54 8.19 -10.71 -6.73
N PRO A 55 8.12 -9.59 -7.46
CA PRO A 55 6.87 -9.23 -8.14
C PRO A 55 6.39 -10.34 -9.07
N TRP A 56 7.31 -10.94 -9.83
CA TRP A 56 6.97 -12.05 -10.74
C TRP A 56 6.27 -13.22 -10.03
N LYS A 57 6.86 -13.69 -8.94
CA LYS A 57 6.23 -14.74 -8.17
C LYS A 57 4.84 -14.35 -7.65
N LEU A 58 4.74 -13.17 -7.03
CA LEU A 58 3.46 -12.69 -6.53
C LEU A 58 2.42 -12.60 -7.65
N ARG A 59 2.87 -12.17 -8.82
CA ARG A 59 2.00 -12.04 -9.97
C ARG A 59 1.44 -13.42 -10.37
N CYS A 60 2.34 -14.41 -10.49
CA CYS A 60 1.93 -15.76 -10.83
C CYS A 60 0.88 -16.29 -9.86
N LEU A 61 1.16 -16.13 -8.56
CA LEU A 61 0.24 -16.63 -7.55
C LEU A 61 -1.13 -15.95 -7.65
N ALA A 62 -1.12 -14.63 -7.74
CA ALA A 62 -2.34 -13.84 -7.80
C ALA A 62 -3.19 -14.11 -9.05
N GLN A 63 -2.54 -14.10 -10.20
CA GLN A 63 -3.25 -14.36 -11.45
C GLN A 63 -3.97 -15.70 -11.40
N THR A 64 -3.26 -16.72 -10.94
CA THR A 64 -3.81 -18.07 -10.88
C THR A 64 -5.07 -18.13 -10.01
N PHE A 65 -5.03 -17.53 -8.83
CA PHE A 65 -6.19 -17.56 -7.95
C PHE A 65 -7.34 -16.69 -8.45
N ALA A 66 -7.03 -15.69 -9.27
CA ALA A 66 -8.06 -14.77 -9.74
C ALA A 66 -8.92 -15.44 -10.79
N THR A 67 -8.49 -16.63 -11.21
CA THR A 67 -9.22 -17.40 -12.20
C THR A 67 -10.50 -18.00 -11.62
N GLY A 68 -10.51 -18.22 -10.31
CA GLY A 68 -11.62 -18.88 -9.64
C GLY A 68 -11.59 -20.40 -9.71
N GLU A 69 -10.57 -20.97 -10.35
CA GLU A 69 -10.54 -22.41 -10.56
C GLU A 69 -9.76 -23.19 -9.50
N VAL A 70 -9.12 -22.47 -8.57
CA VAL A 70 -8.41 -23.12 -7.48
C VAL A 70 -9.10 -22.74 -6.17
N SER A 71 -9.97 -23.62 -5.72
CA SER A 71 -10.85 -23.28 -4.62
C SER A 71 -11.10 -24.48 -3.74
N GLY A 72 -11.64 -24.24 -2.55
CA GLY A 72 -11.88 -25.29 -1.60
C GLY A 72 -11.72 -24.82 -0.17
N ARG A 73 -11.71 -25.78 0.76
CA ARG A 73 -11.69 -25.47 2.17
C ARG A 73 -10.29 -25.54 2.76
N THR A 74 -9.54 -26.59 2.43
CA THR A 74 -8.22 -26.80 3.03
C THR A 74 -7.07 -26.77 2.03
N LEU A 75 -5.93 -26.25 2.51
CA LEU A 75 -4.75 -26.09 1.69
C LEU A 75 -3.52 -26.38 2.53
N ILE A 76 -2.51 -26.99 1.93
CA ILE A 76 -1.24 -27.19 2.61
C ILE A 76 -0.05 -26.66 1.82
N ASP A 77 0.83 -25.96 2.54
CA ASP A 77 2.04 -25.38 1.99
C ASP A 77 3.22 -26.27 2.38
N ILE A 78 3.80 -26.92 1.38
CA ILE A 78 4.89 -27.88 1.58
C ILE A 78 6.22 -27.19 1.65
N GLY A 79 6.95 -27.38 2.75
CA GLY A 79 8.26 -26.78 2.94
C GLY A 79 8.24 -25.25 2.92
N SER A 80 7.50 -24.67 3.86
CA SER A 80 7.25 -23.23 3.93
C SER A 80 8.50 -22.42 4.23
N GLY A 81 9.47 -23.07 4.88
CA GLY A 81 10.58 -22.37 5.47
C GLY A 81 10.11 -21.25 6.41
N PRO A 82 10.85 -20.15 6.45
CA PRO A 82 10.48 -19.03 7.29
C PRO A 82 9.64 -18.02 6.51
N THR A 83 9.03 -18.43 5.40
CA THR A 83 8.38 -17.45 4.54
C THR A 83 6.86 -17.61 4.46
N VAL A 84 6.15 -16.51 4.22
CA VAL A 84 4.70 -16.55 4.13
C VAL A 84 4.14 -15.96 2.83
N TYR A 85 5.00 -15.33 2.05
CA TYR A 85 4.57 -14.60 0.85
C TYR A 85 3.75 -15.47 -0.08
N GLN A 86 4.04 -16.77 -0.06
CA GLN A 86 3.43 -17.70 -1.02
C GLN A 86 1.99 -18.06 -0.68
N LEU A 87 1.43 -17.45 0.36
CA LEU A 87 0.02 -17.69 0.72
C LEU A 87 -0.86 -16.42 0.71
N LEU A 88 -0.27 -15.26 0.41
CA LEU A 88 -0.99 -14.00 0.51
C LEU A 88 -2.25 -13.98 -0.35
N SER A 89 -2.11 -14.34 -1.62
CA SER A 89 -3.24 -14.39 -2.54
C SER A 89 -4.11 -15.62 -2.23
N ALA A 90 -3.49 -16.68 -1.74
CA ALA A 90 -4.20 -17.93 -1.49
C ALA A 90 -5.18 -17.82 -0.32
N CYS A 91 -4.86 -16.99 0.65
CA CYS A 91 -5.57 -17.04 1.95
C CYS A 91 -7.05 -16.67 1.89
N SER A 92 -7.50 -16.08 0.78
CA SER A 92 -8.90 -15.72 0.65
C SER A 92 -9.71 -16.75 -0.13
N HIS A 93 -9.10 -17.88 -0.44
CA HIS A 93 -9.81 -18.97 -1.12
C HIS A 93 -9.85 -20.25 -0.30
N PHE A 94 -9.25 -20.20 0.88
CA PHE A 94 -9.17 -21.38 1.75
C PHE A 94 -9.21 -20.96 3.21
N GLU A 95 -10.17 -21.52 3.95
CA GLU A 95 -10.36 -21.13 5.34
C GLU A 95 -9.49 -21.94 6.30
N ASP A 96 -9.05 -23.11 5.87
CA ASP A 96 -8.16 -23.92 6.70
C ASP A 96 -6.82 -24.09 5.98
N ILE A 97 -5.79 -23.50 6.56
CA ILE A 97 -4.48 -23.50 5.95
C ILE A 97 -3.48 -24.15 6.88
N THR A 98 -2.68 -25.04 6.32
CA THR A 98 -1.67 -25.76 7.06
C THR A 98 -0.30 -25.42 6.48
N MET A 99 0.60 -24.94 7.32
CA MET A 99 1.96 -24.65 6.87
C MET A 99 2.90 -25.72 7.39
N THR A 100 3.95 -26.00 6.64
CA THR A 100 4.88 -27.04 7.02
C THR A 100 6.34 -26.69 6.79
N ASP A 101 7.20 -27.35 7.56
CA ASP A 101 8.62 -27.37 7.24
C ASP A 101 9.32 -28.47 8.00
N PHE A 102 10.50 -28.84 7.51
CA PHE A 102 11.29 -29.92 8.06
C PHE A 102 12.07 -29.47 9.30
N LEU A 103 12.46 -28.19 9.33
CA LEU A 103 13.24 -27.66 10.46
C LEU A 103 12.40 -26.98 11.55
N GLU A 104 12.74 -27.29 12.79
CA GLU A 104 12.17 -26.62 13.95
C GLU A 104 12.34 -25.11 13.88
N VAL A 105 13.57 -24.67 13.58
CA VAL A 105 13.89 -23.24 13.57
C VAL A 105 13.00 -22.44 12.62
N ASN A 106 12.75 -22.99 11.43
CA ASN A 106 11.81 -22.38 10.51
C ASN A 106 10.40 -22.27 11.07
N ARG A 107 9.90 -23.36 11.64
CA ARG A 107 8.58 -23.34 12.26
C ARG A 107 8.53 -22.31 13.39
N GLN A 108 9.61 -22.22 14.15
CA GLN A 108 9.67 -21.23 15.21
C GLN A 108 9.58 -19.84 14.63
N GLU A 109 10.33 -19.62 13.55
CA GLU A 109 10.36 -18.33 12.89
C GLU A 109 8.97 -17.93 12.38
N LEU A 110 8.26 -18.90 11.82
CA LEU A 110 6.88 -18.70 11.36
C LEU A 110 5.97 -18.26 12.50
N GLY A 111 6.05 -18.99 13.61
CA GLY A 111 5.25 -18.68 14.78
C GLY A 111 5.39 -17.22 15.14
N ARG A 112 6.63 -16.75 15.15
CA ARG A 112 6.90 -15.36 15.48
C ARG A 112 6.06 -14.40 14.65
N TRP A 113 5.90 -14.69 13.36
CA TRP A 113 5.09 -13.81 12.52
C TRP A 113 3.60 -14.05 12.72
N LEU A 114 3.22 -15.32 12.78
CA LEU A 114 1.80 -15.65 12.97
C LEU A 114 1.23 -15.03 14.26
N GLN A 115 2.07 -14.95 15.28
CA GLN A 115 1.66 -14.48 16.59
C GLN A 115 2.02 -13.01 16.81
N GLU A 116 2.54 -12.36 15.78
CA GLU A 116 3.00 -10.99 15.90
C GLU A 116 3.93 -10.84 17.10
N GLU A 117 4.73 -11.88 17.34
CA GLU A 117 5.70 -11.87 18.42
C GLU A 117 6.85 -10.96 18.05
N PRO A 118 7.74 -10.68 19.01
CA PRO A 118 8.86 -9.75 18.79
C PRO A 118 9.93 -10.31 17.85
N GLY A 119 10.50 -9.43 17.03
CA GLY A 119 11.60 -9.81 16.16
C GLY A 119 11.14 -10.54 14.92
N ALA A 120 9.82 -10.67 14.77
CA ALA A 120 9.27 -11.31 13.60
C ALA A 120 9.84 -10.68 12.33
N PHE A 121 9.98 -11.49 11.28
CA PHE A 121 10.35 -10.95 9.99
C PHE A 121 9.22 -10.03 9.53
N ASN A 122 9.56 -8.99 8.78
CA ASN A 122 8.58 -8.02 8.30
C ASN A 122 8.17 -8.26 6.85
N TRP A 123 6.98 -8.81 6.67
CA TRP A 123 6.45 -9.15 5.35
C TRP A 123 5.57 -8.05 4.71
N SER A 124 5.39 -6.96 5.42
CA SER A 124 4.41 -5.93 5.06
C SER A 124 4.55 -5.44 3.62
N MET A 125 5.77 -5.26 3.14
CA MET A 125 6.01 -4.92 1.74
C MET A 125 5.35 -5.89 0.75
N TYR A 126 5.42 -7.19 1.05
CA TYR A 126 4.86 -8.25 0.20
C TYR A 126 3.31 -8.29 0.27
N SER A 127 2.79 -8.15 1.49
CA SER A 127 1.34 -8.06 1.71
C SER A 127 0.79 -6.90 0.89
N GLN A 128 1.45 -5.75 1.03
CA GLN A 128 1.09 -4.55 0.29
C GLN A 128 1.08 -4.81 -1.20
N HIS A 129 2.10 -5.47 -1.72
CA HIS A 129 2.18 -5.67 -3.16
C HIS A 129 1.17 -6.66 -3.67
N ALA A 130 0.86 -7.66 -2.86
CA ALA A 130 -0.21 -8.59 -3.19
C ALA A 130 -1.56 -7.87 -3.21
N CYS A 131 -1.75 -6.92 -2.32
CA CYS A 131 -2.96 -6.10 -2.36
C CYS A 131 -2.94 -5.26 -3.65
N LEU A 132 -1.77 -4.75 -4.01
CA LEU A 132 -1.62 -3.98 -5.24
C LEU A 132 -2.00 -4.81 -6.46
N ILE A 133 -1.35 -5.97 -6.60
CA ILE A 133 -1.53 -6.85 -7.76
C ILE A 133 -2.96 -7.37 -7.85
N GLU A 134 -3.48 -7.89 -6.76
CA GLU A 134 -4.84 -8.41 -6.73
C GLU A 134 -5.87 -7.36 -7.17
N GLY A 135 -5.67 -6.12 -6.75
CA GLY A 135 -6.50 -5.02 -7.21
C GLY A 135 -7.96 -5.04 -6.78
N LYS A 136 -8.20 -5.37 -5.52
CA LYS A 136 -9.55 -5.37 -5.00
C LYS A 136 -9.70 -4.27 -3.97
N GLY A 137 -8.76 -3.33 -3.98
CA GLY A 137 -8.74 -2.27 -2.99
C GLY A 137 -8.48 -2.69 -1.56
N GLU A 138 -7.99 -3.91 -1.35
CA GLU A 138 -7.75 -4.39 0.01
C GLU A 138 -6.54 -3.73 0.66
N CYS A 139 -6.69 -3.37 1.94
CA CYS A 139 -5.56 -2.86 2.71
C CYS A 139 -4.71 -4.03 3.19
N TRP A 140 -3.42 -3.78 3.33
CA TRP A 140 -2.49 -4.87 3.60
C TRP A 140 -2.65 -5.47 5.00
N GLN A 141 -3.22 -4.70 5.93
CA GLN A 141 -3.49 -5.23 7.27
C GLN A 141 -4.65 -6.20 7.27
N ASP A 142 -5.62 -5.98 6.39
CA ASP A 142 -6.74 -6.91 6.32
C ASP A 142 -6.19 -8.21 5.79
N LYS A 143 -5.35 -8.08 4.77
CA LYS A 143 -4.74 -9.21 4.11
C LYS A 143 -3.96 -10.08 5.10
N GLU A 144 -3.11 -9.46 5.91
CA GLU A 144 -2.32 -10.20 6.88
C GLU A 144 -3.22 -10.83 7.92
N ARG A 145 -4.21 -10.07 8.36
CA ARG A 145 -5.15 -10.54 9.38
C ARG A 145 -5.77 -11.85 8.94
N GLN A 146 -6.30 -11.88 7.73
CA GLN A 146 -6.96 -13.07 7.21
C GLN A 146 -5.98 -14.24 7.15
N LEU A 147 -4.78 -13.99 6.63
CA LEU A 147 -3.76 -15.01 6.54
C LEU A 147 -3.50 -15.65 7.90
N ARG A 148 -3.19 -14.81 8.89
CA ARG A 148 -2.91 -15.27 10.24
C ARG A 148 -4.08 -16.06 10.81
N ALA A 149 -5.28 -15.68 10.41
CA ALA A 149 -6.50 -16.30 10.94
C ALA A 149 -6.72 -17.67 10.34
N ARG A 150 -6.41 -17.79 9.05
CA ARG A 150 -6.70 -19.02 8.31
C ARG A 150 -5.59 -20.06 8.41
N VAL A 151 -4.42 -19.66 8.91
CA VAL A 151 -3.38 -20.63 9.21
C VAL A 151 -3.63 -21.26 10.58
N LYS A 152 -4.08 -22.51 10.56
CA LYS A 152 -4.49 -23.18 11.77
C LYS A 152 -3.32 -23.85 12.45
N ARG A 153 -2.41 -24.40 11.65
CA ARG A 153 -1.31 -25.17 12.20
C ARG A 153 -0.02 -25.06 11.39
N VAL A 154 1.09 -25.17 12.10
CA VAL A 154 2.42 -25.23 11.49
C VAL A 154 3.06 -26.55 11.90
N LEU A 155 3.28 -27.44 10.93
CA LEU A 155 3.67 -28.84 11.18
C LEU A 155 4.99 -29.31 10.57
N PRO A 156 5.66 -30.25 11.26
CA PRO A 156 6.82 -30.96 10.72
C PRO A 156 6.44 -31.73 9.47
N ILE A 157 7.41 -32.00 8.62
CA ILE A 157 7.14 -32.69 7.37
C ILE A 157 8.46 -33.12 6.73
N ASP A 158 8.44 -34.28 6.08
CA ASP A 158 9.60 -34.77 5.33
C ASP A 158 9.16 -35.39 4.03
N VAL A 159 9.41 -34.69 2.94
CA VAL A 159 8.90 -35.11 1.63
C VAL A 159 9.51 -36.44 1.16
N HIS A 160 10.66 -36.81 1.70
CA HIS A 160 11.27 -38.08 1.36
C HIS A 160 10.42 -39.27 1.81
N GLN A 161 9.65 -39.08 2.87
CA GLN A 161 8.74 -40.11 3.40
C GLN A 161 7.49 -40.22 2.56
N PRO A 162 7.08 -41.47 2.23
CA PRO A 162 5.84 -41.73 1.48
C PRO A 162 4.65 -41.14 2.20
N GLN A 163 4.77 -40.93 3.50
CA GLN A 163 3.77 -40.21 4.27
C GLN A 163 4.45 -39.01 4.90
N PRO A 164 4.58 -37.91 4.13
CA PRO A 164 5.39 -36.74 4.49
C PRO A 164 4.97 -36.09 5.80
N LEU A 165 3.69 -36.25 6.16
CA LEU A 165 3.15 -35.65 7.36
C LEU A 165 3.03 -36.62 8.52
N GLY A 166 3.55 -37.83 8.33
CA GLY A 166 3.41 -38.85 9.35
C GLY A 166 2.05 -39.51 9.30
N ALA A 167 1.74 -40.30 10.32
CA ALA A 167 0.54 -41.13 10.34
C ALA A 167 -0.76 -40.35 10.60
N GLY A 168 -0.94 -39.91 11.84
CA GLY A 168 -2.20 -39.29 12.24
C GLY A 168 -2.09 -37.80 12.41
N SER A 169 -1.79 -37.11 11.32
CA SER A 169 -1.60 -35.67 11.36
C SER A 169 -2.91 -34.94 11.58
N PRO A 170 -2.84 -33.79 12.29
CA PRO A 170 -4.01 -32.94 12.54
C PRO A 170 -4.45 -32.25 11.26
N ALA A 171 -3.73 -32.51 10.17
CA ALA A 171 -4.01 -31.89 8.88
C ALA A 171 -5.17 -32.58 8.18
N PRO A 172 -6.21 -31.81 7.87
CA PRO A 172 -7.39 -32.34 7.18
C PRO A 172 -7.00 -32.92 5.83
N LEU A 173 -6.92 -34.24 5.75
CA LEU A 173 -6.57 -34.89 4.50
C LEU A 173 -7.78 -35.56 3.84
N PRO A 174 -7.78 -35.63 2.51
CA PRO A 174 -6.71 -35.03 1.70
C PRO A 174 -7.01 -33.54 1.49
N ALA A 175 -5.98 -32.74 1.25
CA ALA A 175 -6.16 -31.31 1.02
C ALA A 175 -6.84 -31.01 -0.32
N ASP A 176 -7.60 -29.92 -0.36
CA ASP A 176 -8.20 -29.47 -1.60
C ASP A 176 -7.13 -28.97 -2.58
N ALA A 177 -6.02 -28.49 -2.04
CA ALA A 177 -4.97 -27.87 -2.86
C ALA A 177 -3.61 -27.88 -2.16
N LEU A 178 -2.55 -27.82 -2.97
CA LEU A 178 -1.18 -27.73 -2.45
C LEU A 178 -0.42 -26.52 -3.00
N VAL A 179 0.43 -25.95 -2.17
CA VAL A 179 1.39 -24.95 -2.61
C VAL A 179 2.76 -25.39 -2.10
N SER A 180 3.78 -25.21 -2.92
CA SER A 180 5.14 -25.44 -2.47
C SER A 180 6.10 -24.62 -3.30
N ALA A 181 7.03 -23.95 -2.63
CA ALA A 181 7.98 -23.09 -3.30
C ALA A 181 9.42 -23.33 -2.86
N PHE A 182 10.28 -23.65 -3.83
CA PHE A 182 11.72 -23.77 -3.59
C PHE A 182 12.06 -24.86 -2.57
N CYS A 183 11.21 -25.87 -2.50
CA CYS A 183 11.42 -26.96 -1.58
C CYS A 183 12.03 -28.19 -2.26
N LEU A 184 11.24 -28.88 -3.07
CA LEU A 184 11.63 -30.17 -3.63
C LEU A 184 13.04 -30.21 -4.23
N GLU A 185 13.29 -29.38 -5.22
CA GLU A 185 14.58 -29.40 -5.88
C GLU A 185 15.71 -29.13 -4.88
N ALA A 186 15.40 -28.40 -3.82
CA ALA A 186 16.38 -27.98 -2.83
C ALA A 186 16.62 -29.06 -1.78
N VAL A 187 15.74 -30.06 -1.72
CA VAL A 187 15.94 -31.15 -0.78
C VAL A 187 16.27 -32.46 -1.50
N SER A 188 16.57 -32.36 -2.79
CA SER A 188 16.76 -33.56 -3.61
C SER A 188 18.11 -33.65 -4.31
N PRO A 189 18.84 -34.75 -4.06
CA PRO A 189 20.16 -35.03 -4.64
C PRO A 189 20.10 -35.10 -6.16
N ASP A 190 19.01 -35.63 -6.70
CA ASP A 190 18.92 -35.87 -8.13
C ASP A 190 17.49 -35.85 -8.62
N LEU A 191 17.36 -35.87 -9.95
CA LEU A 191 16.07 -35.86 -10.60
C LEU A 191 15.09 -36.87 -10.01
N ALA A 192 15.57 -38.07 -9.71
CA ALA A 192 14.70 -39.16 -9.27
C ALA A 192 14.21 -38.98 -7.85
N SER A 193 15.05 -38.43 -6.99
CA SER A 193 14.58 -38.14 -5.64
C SER A 193 13.50 -37.04 -5.76
N PHE A 194 13.73 -36.10 -6.66
CA PHE A 194 12.80 -35.02 -6.91
C PHE A 194 11.46 -35.59 -7.33
N GLN A 195 11.52 -36.59 -8.22
CA GLN A 195 10.34 -37.28 -8.71
C GLN A 195 9.60 -37.98 -7.57
N ARG A 196 10.35 -38.67 -6.73
CA ARG A 196 9.72 -39.41 -5.65
C ARG A 196 9.06 -38.45 -4.67
N ALA A 197 9.79 -37.40 -4.29
CA ALA A 197 9.22 -36.37 -3.43
C ALA A 197 7.90 -35.84 -3.98
N LEU A 198 7.88 -35.49 -5.26
CA LEU A 198 6.64 -35.01 -5.87
C LEU A 198 5.53 -36.03 -5.68
N ASP A 199 5.85 -37.30 -5.89
CA ASP A 199 4.90 -38.38 -5.64
C ASP A 199 4.51 -38.42 -4.16
N HIS A 200 5.48 -38.21 -3.29
CA HIS A 200 5.20 -38.27 -1.86
C HIS A 200 4.18 -37.22 -1.40
N ILE A 201 4.35 -35.98 -1.84
CA ILE A 201 3.40 -34.94 -1.46
C ILE A 201 2.09 -35.08 -2.21
N THR A 202 2.13 -35.63 -3.42
CA THR A 202 0.93 -35.74 -4.24
C THR A 202 -0.15 -36.59 -3.56
N THR A 203 0.29 -37.53 -2.74
CA THR A 203 -0.63 -38.40 -1.99
C THR A 203 -1.51 -37.57 -1.05
N LEU A 204 -0.98 -36.44 -0.59
CA LEU A 204 -1.71 -35.56 0.31
C LEU A 204 -2.77 -34.78 -0.44
N LEU A 205 -2.69 -34.78 -1.77
CA LEU A 205 -3.61 -34.00 -2.59
C LEU A 205 -4.79 -34.82 -3.11
N ARG A 206 -5.98 -34.33 -2.82
CA ARG A 206 -7.22 -34.92 -3.30
C ARG A 206 -7.21 -35.02 -4.83
N PRO A 207 -7.86 -36.07 -5.38
CA PRO A 207 -8.04 -36.11 -6.84
C PRO A 207 -8.83 -34.88 -7.28
N GLY A 208 -8.45 -34.30 -8.41
CA GLY A 208 -9.08 -33.07 -8.87
C GLY A 208 -8.46 -31.83 -8.24
N GLY A 209 -7.79 -32.00 -7.10
CA GLY A 209 -7.15 -30.90 -6.39
C GLY A 209 -6.09 -30.17 -7.21
N HIS A 210 -5.55 -29.10 -6.64
CA HIS A 210 -4.58 -28.30 -7.36
C HIS A 210 -3.25 -28.17 -6.65
N LEU A 211 -2.19 -28.13 -7.45
CA LEU A 211 -0.85 -27.91 -6.93
C LEU A 211 -0.21 -26.70 -7.63
N LEU A 212 0.28 -25.78 -6.82
CA LEU A 212 1.03 -24.64 -7.33
C LEU A 212 2.47 -24.83 -6.90
N LEU A 213 3.31 -25.22 -7.85
CA LEU A 213 4.72 -25.51 -7.59
C LEU A 213 5.59 -24.35 -8.10
N ILE A 214 6.47 -23.88 -7.24
CA ILE A 214 7.39 -22.81 -7.59
C ILE A 214 8.76 -23.28 -7.20
N GLY A 215 9.73 -23.04 -8.06
CA GLY A 215 11.07 -23.51 -7.77
C GLY A 215 12.12 -22.93 -8.67
N ALA A 216 13.36 -23.28 -8.34
CA ALA A 216 14.51 -22.72 -9.02
C ALA A 216 14.90 -23.54 -10.25
N LEU A 217 15.30 -22.85 -11.29
CA LEU A 217 15.73 -23.50 -12.53
C LEU A 217 17.24 -23.59 -12.61
N GLU A 218 17.72 -24.82 -12.84
CA GLU A 218 19.14 -25.08 -13.07
C GLU A 218 20.01 -24.54 -11.95
N GLU A 219 19.52 -24.64 -10.73
CA GLU A 219 20.27 -24.27 -9.53
C GLU A 219 20.98 -25.52 -8.98
N SER A 220 22.17 -25.35 -8.40
CA SER A 220 22.87 -26.50 -7.83
C SER A 220 23.28 -26.30 -6.37
N TRP A 221 23.34 -25.05 -5.93
CA TRP A 221 23.66 -24.76 -4.53
C TRP A 221 23.11 -23.41 -4.15
N TYR A 222 22.91 -23.20 -2.86
CA TYR A 222 22.60 -21.89 -2.31
C TYR A 222 23.01 -21.85 -0.84
N LEU A 223 23.27 -20.66 -0.35
CA LEU A 223 23.77 -20.49 1.01
C LEU A 223 22.68 -20.04 1.97
N ALA A 224 22.73 -20.56 3.19
CA ALA A 224 21.88 -20.09 4.28
C ALA A 224 22.71 -19.93 5.56
N GLY A 225 23.54 -18.89 5.57
CA GLY A 225 24.46 -18.67 6.66
C GLY A 225 25.61 -19.67 6.59
N GLU A 226 25.81 -20.41 7.66
CA GLU A 226 26.89 -21.39 7.71
C GLU A 226 26.59 -22.60 6.83
N ALA A 227 25.33 -22.77 6.44
CA ALA A 227 24.89 -23.92 5.66
C ALA A 227 25.05 -23.71 4.17
N ARG A 228 25.61 -24.70 3.50
CA ARG A 228 25.72 -24.75 2.05
C ARG A 228 24.87 -25.91 1.57
N LEU A 229 23.75 -25.61 0.90
CA LEU A 229 22.81 -26.65 0.52
C LEU A 229 22.97 -27.03 -0.94
N THR A 230 22.94 -28.33 -1.20
CA THR A 230 23.01 -28.85 -2.55
C THR A 230 21.64 -28.80 -3.18
N VAL A 231 21.60 -28.49 -4.47
CA VAL A 231 20.35 -28.41 -5.20
C VAL A 231 20.45 -29.26 -6.45
N VAL A 232 19.34 -29.88 -6.85
CA VAL A 232 19.30 -30.51 -8.16
C VAL A 232 18.91 -29.48 -9.20
N PRO A 233 19.75 -29.32 -10.23
CA PRO A 233 19.45 -28.39 -11.32
C PRO A 233 18.40 -28.99 -12.25
N VAL A 234 17.20 -28.43 -12.28
CA VAL A 234 16.17 -28.93 -13.19
C VAL A 234 15.82 -27.95 -14.29
N SER A 235 15.30 -28.48 -15.40
CA SER A 235 14.83 -27.65 -16.51
C SER A 235 13.32 -27.56 -16.49
N GLU A 236 12.78 -26.60 -17.23
CA GLU A 236 11.34 -26.46 -17.33
C GLU A 236 10.72 -27.76 -17.82
N GLU A 237 11.20 -28.27 -18.94
CA GLU A 237 10.66 -29.52 -19.50
C GLU A 237 10.78 -30.69 -18.52
N GLU A 238 11.87 -30.72 -17.76
CA GLU A 238 12.03 -31.74 -16.75
C GLU A 238 10.91 -31.61 -15.71
N VAL A 239 10.72 -30.40 -15.22
CA VAL A 239 9.67 -30.15 -14.23
C VAL A 239 8.34 -30.60 -14.80
N ARG A 240 8.11 -30.27 -16.07
CA ARG A 240 6.85 -30.64 -16.72
C ARG A 240 6.62 -32.14 -16.68
N GLU A 241 7.58 -32.90 -17.20
CA GLU A 241 7.44 -34.35 -17.33
C GLU A 241 7.20 -34.98 -15.96
N ALA A 242 7.95 -34.51 -14.96
CA ALA A 242 7.79 -35.02 -13.60
C ALA A 242 6.35 -34.87 -13.11
N LEU A 243 5.75 -33.74 -13.43
CA LEU A 243 4.36 -33.48 -13.04
C LEU A 243 3.40 -34.45 -13.71
N VAL A 244 3.67 -34.74 -14.98
CA VAL A 244 2.86 -35.71 -15.70
C VAL A 244 2.97 -37.07 -15.02
N ARG A 245 4.21 -37.51 -14.85
CA ARG A 245 4.50 -38.81 -14.29
C ARG A 245 3.95 -38.98 -12.89
N SER A 246 3.55 -37.87 -12.28
CA SER A 246 2.99 -37.92 -10.94
C SER A 246 1.46 -37.92 -10.96
N GLY A 247 0.90 -37.78 -12.16
CA GLY A 247 -0.54 -37.85 -12.33
C GLY A 247 -1.23 -36.51 -12.44
N TYR A 248 -0.48 -35.49 -12.86
CA TYR A 248 -1.05 -34.15 -13.01
C TYR A 248 -1.31 -33.79 -14.47
N LYS A 249 -2.36 -33.01 -14.71
CA LYS A 249 -2.48 -32.29 -15.97
C LYS A 249 -1.94 -30.88 -15.75
N VAL A 250 -0.95 -30.50 -16.56
CA VAL A 250 -0.32 -29.21 -16.41
C VAL A 250 -1.13 -28.08 -17.04
N ARG A 251 -1.75 -27.26 -16.20
CA ARG A 251 -2.58 -26.16 -16.66
C ARG A 251 -1.73 -24.96 -17.08
N ASP A 252 -0.57 -24.81 -16.47
CA ASP A 252 0.27 -23.67 -16.79
C ASP A 252 1.69 -23.82 -16.27
N LEU A 253 2.65 -23.47 -17.11
CA LEU A 253 4.05 -23.51 -16.74
C LEU A 253 4.76 -22.33 -17.36
N ARG A 254 5.16 -21.38 -16.52
CA ARG A 254 5.84 -20.17 -16.99
C ARG A 254 7.23 -20.11 -16.39
N THR A 255 8.12 -19.40 -17.06
CA THR A 255 9.49 -19.25 -16.61
C THR A 255 9.90 -17.77 -16.45
N TYR A 256 10.67 -17.52 -15.40
CA TYR A 256 11.25 -16.21 -15.19
C TYR A 256 12.75 -16.37 -15.27
N ILE A 257 13.39 -15.56 -16.09
CA ILE A 257 14.84 -15.65 -16.22
C ILE A 257 15.53 -14.65 -15.29
N MET A 258 16.54 -15.14 -14.56
CA MET A 258 17.15 -14.33 -13.52
C MET A 258 18.04 -13.19 -14.07
N PRO A 259 17.60 -11.94 -13.90
CA PRO A 259 18.46 -10.87 -14.44
C PRO A 259 19.81 -10.91 -13.72
N ALA A 260 20.83 -10.36 -14.37
CA ALA A 260 22.16 -10.23 -13.76
C ALA A 260 22.11 -9.57 -12.38
N HIS A 261 21.49 -8.39 -12.29
CA HIS A 261 21.52 -7.62 -11.04
C HIS A 261 20.97 -8.41 -9.85
N LEU A 262 20.32 -9.55 -10.13
CA LEU A 262 19.81 -10.39 -9.05
C LEU A 262 20.55 -11.73 -8.92
N GLN A 263 21.70 -11.81 -9.58
CA GLN A 263 22.64 -12.91 -9.39
C GLN A 263 23.68 -12.42 -8.40
N THR A 264 23.56 -12.86 -7.15
CA THR A 264 24.16 -12.13 -6.04
C THR A 264 25.13 -12.89 -5.16
N GLY A 265 25.61 -14.04 -5.61
CA GLY A 265 26.57 -14.76 -4.80
C GLY A 265 25.97 -15.60 -3.67
N VAL A 266 24.66 -15.52 -3.47
CA VAL A 266 24.02 -16.37 -2.45
C VAL A 266 23.62 -17.75 -2.98
N ASP A 267 23.65 -17.91 -4.30
CA ASP A 267 23.28 -19.16 -4.94
C ASP A 267 23.66 -19.09 -6.41
N ASP A 268 23.21 -20.06 -7.18
CA ASP A 268 23.52 -20.04 -8.61
C ASP A 268 22.29 -20.32 -9.46
N VAL A 269 21.12 -19.90 -8.98
CA VAL A 269 19.89 -20.16 -9.71
C VAL A 269 19.86 -19.35 -11.01
N LYS A 270 19.34 -19.94 -12.08
CA LYS A 270 19.33 -19.29 -13.39
C LYS A 270 17.97 -18.65 -13.69
N GLY A 271 16.93 -19.22 -13.11
CA GLY A 271 15.59 -18.73 -13.33
C GLY A 271 14.65 -19.37 -12.33
N VAL A 272 13.38 -18.98 -12.42
CA VAL A 272 12.36 -19.53 -11.55
C VAL A 272 11.22 -20.00 -12.42
N PHE A 273 10.71 -21.19 -12.12
CA PHE A 273 9.56 -21.71 -12.84
C PHE A 273 8.30 -21.58 -11.99
N PHE A 274 7.16 -21.40 -12.67
CA PHE A 274 5.89 -21.46 -12.00
C PHE A 274 5.00 -22.51 -12.65
N ALA A 275 4.55 -23.47 -11.86
CA ALA A 275 3.69 -24.51 -12.38
C ALA A 275 2.32 -24.53 -11.70
N TRP A 276 1.28 -24.53 -12.53
CA TRP A 276 -0.08 -24.79 -12.07
C TRP A 276 -0.51 -26.16 -12.60
N ALA A 277 -0.70 -27.10 -11.68
CA ALA A 277 -1.02 -28.47 -12.05
C ALA A 277 -2.27 -28.94 -11.33
N GLN A 278 -2.95 -29.91 -11.93
CA GLN A 278 -4.17 -30.45 -11.36
C GLN A 278 -4.12 -31.98 -11.33
N LYS A 279 -4.22 -32.55 -10.14
CA LYS A 279 -4.25 -33.99 -9.97
C LYS A 279 -5.45 -34.56 -10.73
N VAL A 280 -5.22 -35.64 -11.46
CA VAL A 280 -6.23 -36.15 -12.38
C VAL A 280 -6.30 -37.67 -12.31
N PRO B 14 -18.03 44.83 6.54
CA PRO B 14 -17.37 46.09 6.22
C PRO B 14 -15.87 46.04 6.51
N ASP B 15 -15.52 45.93 7.79
CA ASP B 15 -14.11 45.88 8.19
C ASP B 15 -13.70 44.44 8.49
N SER B 16 -12.75 43.93 7.72
CA SER B 16 -12.35 42.53 7.83
C SER B 16 -11.27 42.30 8.89
N ALA B 17 -10.58 43.36 9.27
CA ALA B 17 -9.43 43.27 10.17
C ALA B 17 -9.68 42.54 11.51
N PRO B 18 -10.75 42.90 12.24
CA PRO B 18 -10.94 42.28 13.54
C PRO B 18 -11.04 40.75 13.47
N GLY B 19 -11.99 40.23 12.69
CA GLY B 19 -12.13 38.80 12.53
C GLY B 19 -10.80 38.14 12.18
N GLN B 20 -10.16 38.67 11.14
CA GLN B 20 -8.86 38.16 10.71
C GLN B 20 -7.88 38.14 11.87
N ALA B 21 -8.00 39.12 12.75
CA ALA B 21 -7.06 39.27 13.84
C ALA B 21 -7.29 38.18 14.87
N ALA B 22 -8.57 37.92 15.15
CA ALA B 22 -8.95 36.84 16.06
C ALA B 22 -8.39 35.53 15.53
N VAL B 23 -8.62 35.33 14.23
CA VAL B 23 -8.14 34.15 13.51
C VAL B 23 -6.64 33.92 13.67
N ALA B 24 -5.85 34.93 13.32
CA ALA B 24 -4.39 34.84 13.48
C ALA B 24 -4.02 34.59 14.93
N SER B 25 -4.71 35.27 15.83
CA SER B 25 -4.49 35.12 17.27
C SER B 25 -4.64 33.65 17.67
N ALA B 26 -5.80 33.07 17.38
CA ALA B 26 -6.07 31.68 17.72
C ALA B 26 -5.02 30.72 17.19
N TYR B 27 -4.62 30.90 15.93
CA TYR B 27 -3.71 29.96 15.29
C TYR B 27 -2.33 29.91 15.92
N GLN B 28 -2.03 30.88 16.78
CA GLN B 28 -0.78 30.87 17.54
C GLN B 28 -0.72 29.72 18.56
N ARG B 29 -1.85 29.06 18.79
CA ARG B 29 -1.89 27.92 19.72
C ARG B 29 -2.09 26.56 19.03
N PHE B 30 -2.23 26.60 17.71
CA PHE B 30 -2.40 25.41 16.88
C PHE B 30 -1.17 24.50 17.01
N GLU B 31 -1.38 23.27 17.45
CA GLU B 31 -0.28 22.31 17.65
C GLU B 31 -0.34 21.17 16.63
N PRO B 32 0.57 21.20 15.64
CA PRO B 32 0.59 20.25 14.50
C PRO B 32 0.43 18.78 14.85
N ARG B 33 1.16 18.31 15.85
CA ARG B 33 1.09 16.90 16.24
C ARG B 33 -0.30 16.51 16.71
N ALA B 34 -0.90 17.36 17.53
CA ALA B 34 -2.23 17.10 18.06
C ALA B 34 -3.23 17.04 16.92
N TYR B 35 -3.11 17.97 15.99
CA TYR B 35 -3.92 18.01 14.77
C TYR B 35 -3.72 16.74 13.93
N LEU B 36 -2.46 16.38 13.69
CA LEU B 36 -2.12 15.16 12.94
C LEU B 36 -2.77 13.96 13.60
N ARG B 37 -2.61 13.87 14.92
CA ARG B 37 -3.25 12.84 15.72
C ARG B 37 -4.79 12.86 15.60
N ASN B 38 -5.41 14.01 15.86
CA ASN B 38 -6.85 14.15 15.80
C ASN B 38 -7.48 13.73 14.48
N ASN B 39 -6.81 14.06 13.37
CA ASN B 39 -7.41 13.99 12.04
C ASN B 39 -6.85 12.93 11.08
N TYR B 40 -5.64 12.43 11.36
CA TYR B 40 -5.00 11.53 10.42
C TYR B 40 -4.51 10.20 11.01
N ALA B 41 -4.46 10.12 12.33
CA ALA B 41 -4.34 8.84 13.00
C ALA B 41 -5.73 8.18 13.10
N PRO B 42 -5.78 6.86 13.30
CA PRO B 42 -7.08 6.19 13.47
C PRO B 42 -7.89 6.85 14.56
N PRO B 43 -9.22 6.78 14.49
CA PRO B 43 -10.04 6.05 13.51
C PRO B 43 -10.20 6.76 12.16
N ARG B 44 -10.08 8.09 12.15
CA ARG B 44 -10.26 8.84 10.91
C ARG B 44 -9.16 8.45 9.93
N GLY B 45 -7.99 8.14 10.49
CA GLY B 45 -6.87 7.69 9.68
C GLY B 45 -6.89 6.21 9.39
N ASP B 46 -7.97 5.51 9.74
CA ASP B 46 -8.07 4.09 9.43
C ASP B 46 -8.41 3.89 7.97
N LEU B 47 -7.39 3.61 7.16
CA LEU B 47 -7.59 3.52 5.72
C LEU B 47 -8.21 2.20 5.30
N CYS B 48 -8.37 1.29 6.26
CA CYS B 48 -8.91 -0.03 5.96
C CYS B 48 -10.43 -0.03 5.77
N ASN B 49 -11.12 0.87 6.45
CA ASN B 49 -12.55 1.00 6.23
C ASN B 49 -12.86 1.88 5.02
N PRO B 50 -13.44 1.28 3.98
CA PRO B 50 -13.69 1.98 2.71
C PRO B 50 -14.76 3.05 2.91
N ASN B 51 -15.55 2.88 3.95
CA ASN B 51 -16.60 3.83 4.29
C ASN B 51 -16.06 5.00 5.12
N GLY B 52 -14.75 5.03 5.29
CA GLY B 52 -14.13 6.07 6.11
C GLY B 52 -13.74 7.28 5.30
N VAL B 53 -13.53 8.39 6.00
CA VAL B 53 -13.31 9.68 5.35
C VAL B 53 -11.95 9.76 4.70
N GLY B 54 -10.96 9.13 5.32
CA GLY B 54 -9.64 9.02 4.73
C GLY B 54 -9.72 8.50 3.31
N PRO B 55 -10.26 7.28 3.15
CA PRO B 55 -10.41 6.67 1.82
C PRO B 55 -11.24 7.52 0.86
N TRP B 56 -12.36 8.06 1.35
CA TRP B 56 -13.25 8.90 0.51
C TRP B 56 -12.50 10.09 -0.05
N LYS B 57 -11.69 10.74 0.78
CA LYS B 57 -10.91 11.88 0.32
C LYS B 57 -9.91 11.46 -0.77
N LEU B 58 -9.23 10.34 -0.54
CA LEU B 58 -8.22 9.86 -1.48
C LEU B 58 -8.88 9.48 -2.80
N ARG B 59 -10.05 8.85 -2.70
CA ARG B 59 -10.81 8.47 -3.87
C ARG B 59 -11.14 9.68 -4.73
N CYS B 60 -11.71 10.70 -4.10
CA CYS B 60 -12.10 11.94 -4.79
C CYS B 60 -10.94 12.53 -5.56
N LEU B 61 -9.78 12.61 -4.92
CA LEU B 61 -8.59 13.11 -5.58
C LEU B 61 -8.14 12.21 -6.73
N ALA B 62 -7.98 10.92 -6.44
CA ALA B 62 -7.50 9.96 -7.44
C ALA B 62 -8.40 9.90 -8.67
N GLN B 63 -9.68 9.66 -8.45
CA GLN B 63 -10.64 9.62 -9.56
C GLN B 63 -10.55 10.89 -10.39
N THR B 64 -10.41 12.03 -9.72
CA THR B 64 -10.39 13.30 -10.44
C THR B 64 -9.15 13.41 -11.32
N PHE B 65 -8.00 13.05 -10.78
CA PHE B 65 -6.79 13.05 -11.59
C PHE B 65 -6.80 11.98 -12.68
N ALA B 66 -7.59 10.94 -12.46
CA ALA B 66 -7.66 9.82 -13.39
C ALA B 66 -8.38 10.21 -14.70
N THR B 67 -9.13 11.30 -14.67
CA THR B 67 -9.79 11.77 -15.89
C THR B 67 -8.80 12.31 -16.93
N GLY B 68 -7.58 12.62 -16.49
CA GLY B 68 -6.59 13.23 -17.35
C GLY B 68 -6.88 14.70 -17.65
N GLU B 69 -7.99 15.20 -17.08
CA GLU B 69 -8.46 16.55 -17.38
C GLU B 69 -7.89 17.63 -16.48
N VAL B 70 -7.18 17.25 -15.43
CA VAL B 70 -6.54 18.23 -14.57
C VAL B 70 -5.04 18.12 -14.72
N SER B 71 -4.46 19.06 -15.47
CA SER B 71 -3.07 18.89 -15.86
C SER B 71 -2.33 20.21 -16.05
N GLY B 72 -1.02 20.11 -16.18
CA GLY B 72 -0.18 21.27 -16.43
C GLY B 72 1.18 21.17 -15.76
N ARG B 73 1.88 22.29 -15.67
CA ARG B 73 3.20 22.29 -15.09
C ARG B 73 3.18 22.61 -13.60
N THR B 74 2.38 23.61 -13.22
CA THR B 74 2.46 24.15 -11.87
C THR B 74 1.19 23.96 -11.05
N LEU B 75 1.40 23.55 -9.81
CA LEU B 75 0.30 23.36 -8.89
C LEU B 75 0.60 24.08 -7.59
N ILE B 76 -0.42 24.69 -6.99
CA ILE B 76 -0.25 25.32 -5.69
C ILE B 76 -1.23 24.75 -4.68
N ASP B 77 -0.71 24.28 -3.55
CA ASP B 77 -1.55 23.76 -2.49
C ASP B 77 -1.73 24.84 -1.46
N ILE B 78 -2.99 25.22 -1.23
CA ILE B 78 -3.36 26.36 -0.38
C ILE B 78 -3.68 25.92 1.04
N GLY B 79 -2.93 26.44 2.01
CA GLY B 79 -3.11 26.05 3.39
C GLY B 79 -2.84 24.57 3.61
N SER B 80 -1.64 24.12 3.24
CA SER B 80 -1.27 22.70 3.33
C SER B 80 -1.31 22.15 4.74
N GLY B 81 -1.03 23.01 5.72
CA GLY B 81 -0.88 22.55 7.09
C GLY B 81 0.26 21.57 7.15
N PRO B 82 0.19 20.60 8.07
CA PRO B 82 1.31 19.67 8.14
C PRO B 82 1.02 18.36 7.41
N THR B 83 0.20 18.42 6.36
CA THR B 83 -0.27 17.20 5.69
C THR B 83 0.08 17.16 4.21
N VAL B 84 0.32 15.96 3.70
CA VAL B 84 0.74 15.84 2.30
C VAL B 84 -0.16 14.92 1.49
N TYR B 85 -1.05 14.21 2.18
CA TYR B 85 -1.95 13.28 1.54
C TYR B 85 -2.68 13.92 0.34
N GLN B 86 -3.10 15.18 0.50
CA GLN B 86 -3.81 15.90 -0.57
C GLN B 86 -3.00 16.05 -1.86
N LEU B 87 -1.73 15.66 -1.85
CA LEU B 87 -0.93 15.77 -3.07
C LEU B 87 -0.50 14.42 -3.68
N LEU B 88 -0.94 13.33 -3.08
CA LEU B 88 -0.44 12.00 -3.49
C LEU B 88 -0.84 11.62 -4.94
N SER B 89 -2.12 11.75 -5.27
CA SER B 89 -2.58 11.48 -6.63
C SER B 89 -2.20 12.61 -7.59
N ALA B 90 -2.02 13.81 -7.03
CA ALA B 90 -1.76 14.99 -7.81
C ALA B 90 -0.38 15.00 -8.43
N CYS B 91 0.60 14.49 -7.70
CA CYS B 91 2.01 14.74 -8.03
C CYS B 91 2.50 14.09 -9.33
N SER B 92 1.81 13.05 -9.78
CA SER B 92 2.07 12.48 -11.11
C SER B 92 1.64 13.40 -12.26
N HIS B 93 0.89 14.46 -11.96
CA HIS B 93 0.36 15.30 -13.03
C HIS B 93 0.93 16.71 -13.08
N PHE B 94 1.85 17.04 -12.17
CA PHE B 94 2.48 18.36 -12.18
C PHE B 94 3.97 18.29 -11.86
N GLU B 95 4.80 18.94 -12.66
CA GLU B 95 6.25 18.98 -12.41
C GLU B 95 6.61 19.85 -11.22
N ASP B 96 5.89 20.95 -11.07
CA ASP B 96 6.22 21.94 -10.06
C ASP B 96 5.06 22.14 -9.10
N ILE B 97 5.33 21.87 -7.82
CA ILE B 97 4.32 22.01 -6.80
C ILE B 97 4.81 22.92 -5.68
N THR B 98 4.01 23.95 -5.41
CA THR B 98 4.21 24.82 -4.26
C THR B 98 3.31 24.39 -3.10
N MET B 99 3.89 24.28 -1.91
CA MET B 99 3.14 24.01 -0.69
C MET B 99 3.12 25.30 0.10
N THR B 100 2.15 25.46 0.98
CA THR B 100 1.94 26.76 1.62
C THR B 100 1.27 26.62 2.98
N ASP B 101 1.69 27.45 3.92
CA ASP B 101 0.93 27.60 5.17
C ASP B 101 1.24 28.90 5.89
N PHE B 102 0.27 29.31 6.70
CA PHE B 102 0.35 30.50 7.51
C PHE B 102 1.40 30.34 8.61
N LEU B 103 1.43 29.15 9.21
CA LEU B 103 2.21 28.87 10.41
C LEU B 103 3.55 28.22 10.11
N GLU B 104 4.61 28.85 10.62
CA GLU B 104 5.93 28.31 10.43
C GLU B 104 6.02 26.87 10.93
N VAL B 105 5.36 26.60 12.05
CA VAL B 105 5.49 25.29 12.69
C VAL B 105 4.94 24.20 11.79
N ASN B 106 3.92 24.51 11.00
CA ASN B 106 3.45 23.56 10.00
C ASN B 106 4.48 23.41 8.89
N ARG B 107 4.98 24.54 8.43
CA ARG B 107 6.01 24.57 7.41
C ARG B 107 7.21 23.72 7.82
N GLN B 108 7.63 23.82 9.08
CA GLN B 108 8.72 23.00 9.60
C GLN B 108 8.37 21.51 9.58
N GLU B 109 7.14 21.20 9.96
CA GLU B 109 6.67 19.82 9.90
C GLU B 109 6.90 19.24 8.49
N LEU B 110 6.42 19.95 7.48
CA LEU B 110 6.63 19.54 6.10
C LEU B 110 8.12 19.36 5.80
N GLY B 111 8.93 20.29 6.30
CA GLY B 111 10.36 20.21 6.12
C GLY B 111 10.90 18.86 6.61
N ARG B 112 10.36 18.40 7.72
CA ARG B 112 10.84 17.18 8.33
C ARG B 112 10.50 16.01 7.43
N TRP B 113 9.38 16.12 6.73
CA TRP B 113 8.97 15.03 5.85
C TRP B 113 9.76 15.09 4.56
N LEU B 114 9.98 16.29 4.07
CA LEU B 114 10.76 16.47 2.86
C LEU B 114 12.17 15.92 3.04
N GLN B 115 12.74 16.15 4.21
CA GLN B 115 14.11 15.70 4.50
C GLN B 115 14.14 14.21 4.78
N GLU B 116 12.96 13.62 4.85
CA GLU B 116 12.83 12.19 5.09
C GLU B 116 13.34 11.81 6.47
N GLU B 117 13.32 12.76 7.40
CA GLU B 117 13.70 12.48 8.77
C GLU B 117 12.74 11.47 9.38
N PRO B 118 13.17 10.78 10.44
CA PRO B 118 12.32 9.80 11.12
C PRO B 118 11.38 10.48 12.11
N GLY B 119 11.74 11.69 12.54
CA GLY B 119 10.89 12.45 13.45
C GLY B 119 9.62 12.88 12.75
N ALA B 120 9.63 12.81 11.41
CA ALA B 120 8.51 13.26 10.62
C ALA B 120 7.25 12.43 10.85
N PHE B 121 6.11 12.99 10.49
CA PHE B 121 4.90 12.21 10.51
C PHE B 121 5.01 11.19 9.38
N ASN B 122 4.58 9.97 9.69
CA ASN B 122 4.58 8.88 8.73
C ASN B 122 3.32 8.84 7.88
N TRP B 123 3.47 9.14 6.59
CA TRP B 123 2.36 9.15 5.66
C TRP B 123 2.21 7.89 4.82
N SER B 124 3.05 6.89 5.08
CA SER B 124 3.18 5.75 4.15
C SER B 124 1.90 4.93 3.96
N MET B 125 1.09 4.79 5.00
CA MET B 125 -0.25 4.19 4.85
C MET B 125 -1.05 4.93 3.77
N TYR B 126 -0.98 6.26 3.82
CA TYR B 126 -1.69 7.10 2.86
C TYR B 126 -1.10 6.92 1.46
N SER B 127 0.23 6.92 1.38
CA SER B 127 0.93 6.63 0.13
C SER B 127 0.54 5.27 -0.45
N GLN B 128 0.60 4.23 0.38
CA GLN B 128 0.24 2.89 -0.08
C GLN B 128 -1.18 2.90 -0.57
N HIS B 129 -2.08 3.54 0.18
CA HIS B 129 -3.48 3.58 -0.22
C HIS B 129 -3.72 4.32 -1.52
N ALA B 130 -3.00 5.42 -1.74
CA ALA B 130 -3.16 6.11 -3.02
C ALA B 130 -2.66 5.22 -4.15
N CYS B 131 -1.54 4.54 -3.90
CA CYS B 131 -1.00 3.59 -4.88
C CYS B 131 -2.03 2.50 -5.20
N LEU B 132 -2.74 2.07 -4.18
CA LEU B 132 -3.73 1.02 -4.32
C LEU B 132 -4.89 1.41 -5.23
N ILE B 133 -5.40 2.62 -5.07
CA ILE B 133 -6.62 2.97 -5.78
C ILE B 133 -6.38 3.61 -7.14
N GLU B 134 -5.16 4.08 -7.36
CA GLU B 134 -4.77 4.58 -8.68
C GLU B 134 -4.54 3.39 -9.62
N GLY B 135 -4.47 2.19 -9.06
CA GLY B 135 -4.38 0.97 -9.84
C GLY B 135 -3.29 0.87 -10.91
N LYS B 136 -2.12 1.42 -10.66
CA LYS B 136 -1.02 1.33 -11.63
C LYS B 136 0.11 0.44 -11.08
N GLY B 137 -0.17 -0.22 -9.97
CA GLY B 137 0.84 -1.03 -9.31
C GLY B 137 2.10 -0.32 -8.87
N GLU B 138 2.01 1.00 -8.63
CA GLU B 138 3.16 1.76 -8.13
C GLU B 138 3.41 1.40 -6.67
N CYS B 139 4.68 1.27 -6.29
CA CYS B 139 4.98 1.05 -4.89
C CYS B 139 4.95 2.40 -4.20
N TRP B 140 4.71 2.40 -2.88
CA TRP B 140 4.55 3.64 -2.15
C TRP B 140 5.84 4.45 -2.01
N GLN B 141 6.98 3.76 -1.95
CA GLN B 141 8.29 4.44 -1.93
C GLN B 141 8.54 5.28 -3.20
N ASP B 142 8.06 4.80 -4.34
CA ASP B 142 8.24 5.57 -5.57
C ASP B 142 7.32 6.78 -5.58
N LYS B 143 6.10 6.58 -5.11
CA LYS B 143 5.11 7.64 -5.03
C LYS B 143 5.64 8.78 -4.14
N GLU B 144 6.21 8.41 -2.99
CA GLU B 144 6.72 9.40 -2.03
C GLU B 144 7.95 10.13 -2.54
N ARG B 145 8.80 9.41 -3.28
CA ARG B 145 10.00 9.98 -3.84
C ARG B 145 9.63 10.99 -4.93
N GLN B 146 8.56 10.69 -5.66
CA GLN B 146 8.07 11.58 -6.70
C GLN B 146 7.50 12.87 -6.10
N LEU B 147 6.79 12.74 -4.97
CA LEU B 147 6.23 13.91 -4.32
C LEU B 147 7.35 14.79 -3.76
N ARG B 148 8.31 14.15 -3.10
CA ARG B 148 9.45 14.89 -2.54
C ARG B 148 10.23 15.63 -3.64
N ALA B 149 10.30 15.04 -4.83
CA ALA B 149 11.01 15.65 -5.95
C ALA B 149 10.25 16.83 -6.55
N ARG B 150 8.94 16.73 -6.56
CA ARG B 150 8.13 17.71 -7.26
C ARG B 150 7.79 18.95 -6.41
N VAL B 151 7.84 18.81 -5.09
CA VAL B 151 7.62 19.95 -4.21
C VAL B 151 8.81 20.91 -4.29
N LYS B 152 8.65 22.01 -5.02
CA LYS B 152 9.75 22.95 -5.26
C LYS B 152 9.96 24.00 -4.17
N ARG B 153 9.01 24.13 -3.24
CA ARG B 153 9.08 25.18 -2.24
C ARG B 153 7.89 25.12 -1.27
N VAL B 154 8.13 25.55 -0.03
CA VAL B 154 7.09 25.67 0.99
C VAL B 154 6.98 27.13 1.45
N LEU B 155 5.87 27.78 1.10
CA LEU B 155 5.73 29.23 1.29
C LEU B 155 4.76 29.61 2.37
N PRO B 156 5.01 30.77 3.01
CA PRO B 156 4.03 31.38 3.90
C PRO B 156 2.87 31.86 3.06
N ILE B 157 1.68 31.88 3.63
CA ILE B 157 0.51 32.30 2.90
C ILE B 157 -0.55 32.84 3.85
N ASP B 158 -1.27 33.85 3.39
CA ASP B 158 -2.41 34.40 4.10
C ASP B 158 -3.50 34.67 3.07
N VAL B 159 -4.53 33.85 3.09
CA VAL B 159 -5.58 33.92 2.09
C VAL B 159 -6.48 35.14 2.26
N HIS B 160 -6.24 35.92 3.32
CA HIS B 160 -7.05 37.12 3.58
C HIS B 160 -6.47 38.33 2.86
N GLN B 161 -5.16 38.31 2.60
CA GLN B 161 -4.51 39.28 1.74
C GLN B 161 -4.90 39.06 0.29
N PRO B 162 -5.20 40.15 -0.42
CA PRO B 162 -5.55 40.11 -1.85
C PRO B 162 -4.45 39.45 -2.68
N GLN B 163 -3.21 39.61 -2.23
CA GLN B 163 -2.09 38.84 -2.76
C GLN B 163 -1.67 37.87 -1.66
N PRO B 164 -2.31 36.69 -1.63
CA PRO B 164 -2.12 35.74 -0.54
C PRO B 164 -0.67 35.29 -0.36
N LEU B 165 0.13 35.37 -1.42
CA LEU B 165 1.54 34.99 -1.36
C LEU B 165 2.46 36.18 -1.16
N GLY B 166 1.89 37.37 -1.03
CA GLY B 166 2.68 38.59 -0.97
C GLY B 166 2.98 39.03 -2.38
N ALA B 167 3.66 40.16 -2.54
CA ALA B 167 4.00 40.65 -3.86
C ALA B 167 5.39 40.17 -4.28
N GLY B 168 5.56 39.94 -5.57
CA GLY B 168 6.82 39.44 -6.11
C GLY B 168 7.19 38.08 -5.56
N SER B 169 6.18 37.28 -5.26
CA SER B 169 6.39 35.96 -4.69
C SER B 169 7.23 35.06 -5.58
N PRO B 170 7.77 34.00 -5.01
CA PRO B 170 8.59 33.00 -5.70
C PRO B 170 7.75 32.13 -6.65
N ALA B 171 6.55 31.80 -6.19
CA ALA B 171 5.71 30.85 -6.91
C ALA B 171 5.48 31.30 -8.34
N PRO B 172 5.71 30.39 -9.30
CA PRO B 172 5.35 30.59 -10.70
C PRO B 172 3.85 30.85 -10.82
N LEU B 173 3.48 32.09 -11.14
CA LEU B 173 2.08 32.44 -11.28
C LEU B 173 1.82 32.89 -12.69
N PRO B 174 0.58 32.69 -13.18
CA PRO B 174 -0.48 32.01 -12.42
C PRO B 174 -0.33 30.50 -12.55
N ALA B 175 -0.73 29.77 -11.51
CA ALA B 175 -0.61 28.32 -11.52
C ALA B 175 -1.57 27.69 -12.51
N ASP B 176 -1.30 26.43 -12.88
CA ASP B 176 -2.24 25.65 -13.68
C ASP B 176 -3.39 25.10 -12.84
N ALA B 177 -3.13 24.86 -11.56
CA ALA B 177 -4.12 24.23 -10.69
C ALA B 177 -3.95 24.59 -9.22
N LEU B 178 -5.04 24.52 -8.48
CA LEU B 178 -5.01 24.74 -7.05
C LEU B 178 -5.55 23.55 -6.31
N VAL B 179 -4.91 23.22 -5.19
CA VAL B 179 -5.50 22.33 -4.21
C VAL B 179 -5.65 23.07 -2.90
N SER B 180 -6.71 22.78 -2.17
CA SER B 180 -6.87 23.33 -0.84
C SER B 180 -7.83 22.46 -0.05
N ALA B 181 -7.40 22.04 1.13
CA ALA B 181 -8.21 21.14 1.94
C ALA B 181 -8.38 21.65 3.37
N PHE B 182 -9.63 21.88 3.75
CA PHE B 182 -9.96 22.21 5.13
C PHE B 182 -9.28 23.49 5.58
N CYS B 183 -9.01 24.37 4.63
CA CYS B 183 -8.36 25.62 4.97
C CYS B 183 -9.33 26.82 4.99
N LEU B 184 -9.97 27.09 3.86
CA LEU B 184 -10.76 28.30 3.75
C LEU B 184 -11.78 28.47 4.87
N GLU B 185 -12.52 27.43 5.20
CA GLU B 185 -13.57 27.56 6.22
C GLU B 185 -12.97 27.64 7.61
N ALA B 186 -11.78 27.06 7.78
CA ALA B 186 -11.16 26.97 9.09
C ALA B 186 -10.50 28.28 9.53
N VAL B 187 -10.39 29.23 8.61
CA VAL B 187 -9.72 30.49 8.93
C VAL B 187 -10.59 31.71 8.62
N SER B 188 -11.84 31.48 8.27
CA SER B 188 -12.76 32.55 7.93
C SER B 188 -13.88 32.66 8.97
N PRO B 189 -14.02 33.85 9.59
CA PRO B 189 -15.03 33.99 10.64
C PRO B 189 -16.46 33.80 10.12
N ASP B 190 -16.69 34.11 8.85
CA ASP B 190 -18.02 34.00 8.27
C ASP B 190 -18.01 33.85 6.76
N LEU B 191 -19.19 33.69 6.19
CA LEU B 191 -19.35 33.43 4.76
C LEU B 191 -18.70 34.49 3.87
N ALA B 192 -18.86 35.75 4.25
CA ALA B 192 -18.31 36.84 3.46
C ALA B 192 -16.78 36.77 3.45
N SER B 193 -16.21 36.38 4.57
CA SER B 193 -14.76 36.23 4.71
C SER B 193 -14.30 35.07 3.84
N PHE B 194 -15.01 33.96 4.00
CA PHE B 194 -14.80 32.76 3.20
C PHE B 194 -14.73 33.09 1.70
N GLN B 195 -15.74 33.83 1.24
CA GLN B 195 -15.87 34.22 -0.17
C GLN B 195 -14.70 35.09 -0.62
N ARG B 196 -14.38 36.11 0.18
CA ARG B 196 -13.21 36.92 -0.11
C ARG B 196 -11.96 36.07 -0.24
N ALA B 197 -11.75 35.17 0.73
CA ALA B 197 -10.58 34.28 0.70
C ALA B 197 -10.55 33.47 -0.60
N LEU B 198 -11.72 32.99 -1.02
CA LEU B 198 -11.81 32.26 -2.27
C LEU B 198 -11.49 33.16 -3.46
N ASP B 199 -11.98 34.40 -3.45
CA ASP B 199 -11.62 35.37 -4.47
C ASP B 199 -10.11 35.54 -4.53
N HIS B 200 -9.48 35.74 -3.37
CA HIS B 200 -8.04 35.97 -3.30
C HIS B 200 -7.21 34.86 -3.97
N ILE B 201 -7.39 33.63 -3.52
CA ILE B 201 -6.61 32.52 -4.08
C ILE B 201 -6.90 32.29 -5.55
N THR B 202 -8.06 32.75 -6.00
CA THR B 202 -8.48 32.60 -7.40
C THR B 202 -7.62 33.43 -8.34
N THR B 203 -6.96 34.46 -7.78
CA THR B 203 -6.02 35.27 -8.56
C THR B 203 -4.73 34.52 -8.88
N LEU B 204 -4.41 33.50 -8.08
CA LEU B 204 -3.21 32.73 -8.34
C LEU B 204 -3.41 31.66 -9.42
N LEU B 205 -4.64 31.50 -9.90
CA LEU B 205 -4.98 30.45 -10.86
C LEU B 205 -5.29 31.01 -12.25
N ARG B 206 -4.70 30.42 -13.29
CA ARG B 206 -4.96 30.85 -14.65
C ARG B 206 -6.40 30.51 -15.03
N PRO B 207 -6.94 31.24 -16.02
CA PRO B 207 -8.26 30.97 -16.60
C PRO B 207 -8.26 29.58 -17.26
N GLY B 208 -9.31 28.80 -17.04
CA GLY B 208 -9.32 27.44 -17.55
C GLY B 208 -8.55 26.50 -16.62
N GLY B 209 -7.94 27.05 -15.58
CA GLY B 209 -7.25 26.26 -14.58
C GLY B 209 -8.23 25.57 -13.66
N HIS B 210 -7.74 24.62 -12.86
CA HIS B 210 -8.62 23.83 -11.99
C HIS B 210 -8.38 24.02 -10.50
N LEU B 211 -9.46 23.97 -9.74
CA LEU B 211 -9.38 24.06 -8.30
C LEU B 211 -10.04 22.84 -7.66
N LEU B 212 -9.27 22.10 -6.88
CA LEU B 212 -9.84 20.99 -6.12
C LEU B 212 -9.96 21.41 -4.67
N LEU B 213 -11.20 21.53 -4.21
CA LEU B 213 -11.50 22.02 -2.86
C LEU B 213 -12.16 20.97 -1.99
N ILE B 214 -11.56 20.73 -0.83
CA ILE B 214 -12.11 19.83 0.14
C ILE B 214 -12.31 20.64 1.41
N GLY B 215 -13.43 20.43 2.10
CA GLY B 215 -13.60 21.10 3.38
C GLY B 215 -14.73 20.56 4.22
N ALA B 216 -14.78 21.04 5.46
CA ALA B 216 -15.80 20.62 6.42
C ALA B 216 -17.15 21.29 6.15
N LEU B 217 -18.22 20.51 6.28
CA LEU B 217 -19.56 21.02 6.14
C LEU B 217 -20.17 21.17 7.53
N GLU B 218 -20.76 22.34 7.77
CA GLU B 218 -21.47 22.66 9.00
C GLU B 218 -20.61 22.52 10.24
N GLU B 219 -19.34 22.85 10.10
CA GLU B 219 -18.43 22.87 11.24
C GLU B 219 -18.35 24.26 11.85
N SER B 220 -18.23 24.33 13.17
CA SER B 220 -18.05 25.61 13.84
C SER B 220 -16.77 25.66 14.69
N TRP B 221 -16.24 24.49 15.03
CA TRP B 221 -15.00 24.43 15.82
C TRP B 221 -14.27 23.10 15.68
N TYR B 222 -12.98 23.11 16.02
CA TYR B 222 -12.18 21.88 16.10
C TYR B 222 -10.97 22.12 17.00
N LEU B 223 -10.36 21.04 17.46
CA LEU B 223 -9.24 21.11 18.40
C LEU B 223 -7.90 20.82 17.74
N ALA B 224 -6.84 21.47 18.23
CA ALA B 224 -5.48 21.17 17.83
C ALA B 224 -4.50 21.40 18.98
N GLY B 225 -4.71 20.69 20.08
CA GLY B 225 -3.89 20.84 21.27
C GLY B 225 -4.61 21.63 22.35
N GLU B 226 -4.05 22.77 22.71
CA GLU B 226 -4.71 23.69 23.62
C GLU B 226 -5.72 24.51 22.84
N ALA B 227 -5.44 24.59 21.54
CA ALA B 227 -6.21 25.41 20.61
C ALA B 227 -7.57 24.81 20.30
N ARG B 228 -8.63 25.52 20.69
CA ARG B 228 -9.97 25.25 20.20
C ARG B 228 -10.38 26.35 19.22
N LEU B 229 -10.31 26.04 17.92
CA LEU B 229 -10.40 27.06 16.86
C LEU B 229 -11.79 27.21 16.24
N THR B 230 -12.04 28.38 15.68
CA THR B 230 -13.37 28.70 15.15
C THR B 230 -13.46 28.55 13.65
N VAL B 231 -14.54 27.93 13.23
CA VAL B 231 -14.81 27.62 11.84
C VAL B 231 -16.15 28.19 11.45
N VAL B 232 -16.25 28.80 10.28
CA VAL B 232 -17.56 29.16 9.75
C VAL B 232 -18.27 27.90 9.26
N PRO B 233 -19.48 27.65 9.78
CA PRO B 233 -20.25 26.51 9.28
C PRO B 233 -20.81 26.87 7.90
N VAL B 234 -20.55 26.03 6.91
CA VAL B 234 -21.08 26.24 5.57
C VAL B 234 -21.79 24.98 5.11
N SER B 235 -22.63 25.13 4.10
CA SER B 235 -23.36 24.00 3.53
C SER B 235 -22.85 23.78 2.13
N GLU B 236 -23.30 22.71 1.50
CA GLU B 236 -22.88 22.43 0.15
C GLU B 236 -23.30 23.56 -0.77
N GLU B 237 -24.54 23.99 -0.65
CA GLU B 237 -25.06 25.03 -1.53
C GLU B 237 -24.38 26.39 -1.33
N GLU B 238 -24.02 26.71 -0.08
CA GLU B 238 -23.20 27.89 0.17
C GLU B 238 -21.85 27.77 -0.56
N VAL B 239 -21.27 26.57 -0.53
CA VAL B 239 -20.00 26.34 -1.21
C VAL B 239 -20.15 26.49 -2.73
N ARG B 240 -21.24 25.96 -3.28
CA ARG B 240 -21.46 26.05 -4.73
C ARG B 240 -21.56 27.49 -5.19
N GLU B 241 -22.38 28.27 -4.48
CA GLU B 241 -22.62 29.65 -4.84
C GLU B 241 -21.34 30.48 -4.81
N ALA B 242 -20.50 30.27 -3.79
CA ALA B 242 -19.24 31.00 -3.70
C ALA B 242 -18.31 30.70 -4.87
N LEU B 243 -18.34 29.45 -5.33
CA LEU B 243 -17.53 29.04 -6.47
C LEU B 243 -17.96 29.79 -7.73
N VAL B 244 -19.24 29.70 -8.04
CA VAL B 244 -19.83 30.47 -9.13
C VAL B 244 -19.49 31.97 -8.96
N ARG B 245 -19.72 32.46 -7.75
CA ARG B 245 -19.46 33.86 -7.42
C ARG B 245 -18.01 34.24 -7.70
N SER B 246 -17.11 33.26 -7.74
CA SER B 246 -15.69 33.58 -7.93
C SER B 246 -15.21 33.41 -9.36
N GLY B 247 -16.08 32.87 -10.22
CA GLY B 247 -15.74 32.70 -11.62
C GLY B 247 -15.39 31.27 -11.98
N TYR B 248 -16.08 30.33 -11.34
CA TYR B 248 -15.82 28.92 -11.58
C TYR B 248 -17.02 28.24 -12.22
N LYS B 249 -16.73 27.29 -13.09
CA LYS B 249 -17.71 26.28 -13.46
C LYS B 249 -17.50 25.09 -12.51
N VAL B 250 -18.58 24.68 -11.85
CA VAL B 250 -18.48 23.55 -10.95
C VAL B 250 -18.64 22.28 -11.76
N ARG B 251 -17.58 21.49 -11.82
CA ARG B 251 -17.56 20.23 -12.56
C ARG B 251 -18.06 19.10 -11.67
N ASP B 252 -17.74 19.17 -10.39
CA ASP B 252 -18.12 18.12 -9.47
C ASP B 252 -18.21 18.67 -8.05
N LEU B 253 -19.27 18.29 -7.35
CA LEU B 253 -19.43 18.65 -5.94
C LEU B 253 -20.10 17.50 -5.20
N ARG B 254 -19.31 16.75 -4.44
CA ARG B 254 -19.81 15.58 -3.74
C ARG B 254 -19.65 15.73 -2.24
N THR B 255 -20.52 15.04 -1.52
CA THR B 255 -20.65 15.20 -0.08
C THR B 255 -20.46 13.86 0.60
N TYR B 256 -19.71 13.88 1.69
CA TYR B 256 -19.57 12.72 2.54
C TYR B 256 -20.16 13.07 3.91
N ILE B 257 -21.03 12.21 4.44
CA ILE B 257 -21.61 12.47 5.75
C ILE B 257 -20.79 11.82 6.86
N MET B 258 -20.35 12.61 7.82
CA MET B 258 -19.50 12.06 8.87
C MET B 258 -20.24 11.02 9.72
N PRO B 259 -19.78 9.77 9.66
CA PRO B 259 -20.49 8.74 10.44
C PRO B 259 -20.27 8.99 11.91
N ALA B 260 -21.20 8.53 12.74
CA ALA B 260 -21.15 8.80 14.17
C ALA B 260 -19.81 8.37 14.79
N HIS B 261 -19.37 7.17 14.43
CA HIS B 261 -18.15 6.62 14.99
C HIS B 261 -16.90 7.41 14.59
N LEU B 262 -17.02 8.25 13.56
CA LEU B 262 -15.91 9.13 13.23
C LEU B 262 -16.08 10.54 13.83
N GLN B 263 -17.20 10.77 14.52
CA GLN B 263 -17.38 12.04 15.21
C GLN B 263 -16.93 11.93 16.67
N THR B 264 -15.71 12.40 16.92
CA THR B 264 -14.91 12.04 18.09
C THR B 264 -14.71 13.12 19.14
N GLY B 265 -15.37 14.27 18.99
CA GLY B 265 -15.17 15.35 19.92
C GLY B 265 -13.93 16.19 19.61
N VAL B 266 -13.35 15.98 18.43
CA VAL B 266 -12.19 16.75 17.99
C VAL B 266 -12.67 17.94 17.16
N ASP B 267 -13.92 17.85 16.73
CA ASP B 267 -14.58 18.95 16.03
C ASP B 267 -16.07 18.70 16.05
N ASP B 268 -16.82 19.49 15.30
CA ASP B 268 -18.25 19.25 15.17
C ASP B 268 -18.65 19.18 13.70
N VAL B 269 -17.69 18.84 12.84
CA VAL B 269 -17.99 18.73 11.42
C VAL B 269 -19.06 17.67 11.18
N LYS B 270 -20.00 17.98 10.30
CA LYS B 270 -21.14 17.11 10.07
C LYS B 270 -20.95 16.34 8.78
N GLY B 271 -20.03 16.84 7.97
CA GLY B 271 -19.72 16.21 6.70
C GLY B 271 -18.55 16.86 6.03
N VAL B 272 -18.17 16.31 4.88
CA VAL B 272 -17.04 16.80 4.12
C VAL B 272 -17.45 16.97 2.66
N PHE B 273 -17.08 18.10 2.08
CA PHE B 273 -17.36 18.38 0.68
C PHE B 273 -16.12 18.26 -0.19
N PHE B 274 -16.32 17.84 -1.43
CA PHE B 274 -15.26 17.86 -2.43
C PHE B 274 -15.72 18.55 -3.70
N ALA B 275 -15.02 19.62 -4.07
CA ALA B 275 -15.38 20.38 -5.25
C ALA B 275 -14.29 20.36 -6.31
N TRP B 276 -14.68 19.93 -7.51
CA TRP B 276 -13.86 20.12 -8.70
C TRP B 276 -14.42 21.33 -9.46
N ALA B 277 -13.62 22.39 -9.58
CA ALA B 277 -14.06 23.59 -10.27
C ALA B 277 -13.00 24.10 -11.24
N GLN B 278 -13.48 24.61 -12.36
CA GLN B 278 -12.61 25.15 -13.39
C GLN B 278 -12.89 26.66 -13.53
N LYS B 279 -11.83 27.46 -13.43
CA LYS B 279 -11.95 28.90 -13.53
C LYS B 279 -12.33 29.33 -14.94
N VAL B 280 -13.33 30.20 -15.03
CA VAL B 280 -13.76 30.74 -16.31
C VAL B 280 -12.83 31.84 -16.78
N GLY B 281 -12.56 31.86 -18.07
CA GLY B 281 -11.74 32.90 -18.68
C GLY B 281 -11.15 32.45 -19.99
N SAH C . 9.05 -22.13 0.98
CA SAH C . 10.23 -21.29 1.15
CB SAH C . 11.42 -22.15 0.69
CG SAH C . 12.26 -22.59 1.87
SD SAH C . 13.80 -23.24 1.16
C SAH C . 10.18 -20.09 0.18
O SAH C . 9.40 -20.07 -0.72
OXT SAH C . 11.35 -19.34 0.03
C5' SAH C . 13.75 -25.06 1.23
C4' SAH C . 12.95 -25.51 2.47
O4' SAH C . 12.83 -26.97 2.45
C3' SAH C . 13.63 -25.14 3.80
O3' SAH C . 12.75 -24.42 4.63
C2' SAH C . 13.97 -26.48 4.38
O2' SAH C . 14.16 -26.53 5.77
C1' SAH C . 12.86 -27.37 3.85
N9 SAH C . 13.27 -28.75 3.94
C8 SAH C . 14.67 -29.24 4.16
N7 SAH C . 14.66 -30.69 4.12
C5 SAH C . 13.27 -31.11 3.88
C6 SAH C . 12.65 -32.47 3.75
N6 SAH C . 13.50 -33.65 3.88
N1 SAH C . 11.21 -32.59 3.50
C2 SAH C . 10.35 -31.37 3.38
N3 SAH C . 10.96 -30.02 3.52
C4 SAH C . 12.42 -29.90 3.76
O01 ES6 D . 14.05 -18.90 -2.23
C02 ES6 D . 14.67 -19.01 -3.27
O03 ES6 D . 15.61 -19.92 -3.43
C04 ES6 D . 14.35 -18.07 -4.43
C05 ES6 D . 13.26 -17.22 -4.35
C06 ES6 D . 12.99 -16.37 -5.42
C07 ES6 D . 13.81 -16.39 -6.55
N08 ES6 D . 14.87 -17.23 -6.61
C09 ES6 D . 15.15 -18.07 -5.57
O10 ES6 D . 16.24 -18.91 -5.66
N SAH E . -4.46 21.17 4.34
CA SAH E . -4.30 20.52 5.64
CB SAH E . -4.41 21.51 6.82
CG SAH E . -5.87 21.88 7.14
SD SAH E . -5.97 22.79 8.73
C SAH E . -5.30 19.35 5.73
O SAH E . -5.84 18.97 4.74
OXT SAH E . -5.34 18.60 6.93
C5' SAH E . -6.22 24.58 8.47
C4' SAH E . -4.92 25.26 8.02
O4' SAH E . -5.13 26.65 7.60
C3' SAH E . -3.78 25.27 9.05
O3' SAH E . -2.64 24.71 8.45
C2' SAH E . -3.58 26.75 9.25
O2' SAH E . -2.34 27.16 9.80
C1' SAH E . -3.83 27.30 7.86
N9 SAH E . -4.06 28.72 7.99
C8 SAH E . -4.42 29.41 9.27
N7 SAH E . -4.66 30.81 8.95
C5 SAH E . -4.46 31.01 7.51
C6 SAH E . -4.58 32.22 6.64
N6 SAH E . -5.01 33.50 7.21
N1 SAH E . -4.32 32.09 5.21
C2 SAH E . -3.95 30.77 4.60
N3 SAH E . -3.84 29.57 5.47
C4 SAH E . -4.10 29.69 6.92
O01 ES6 F . -11.67 19.25 9.99
C02 ES6 F . -10.92 18.46 9.44
O03 ES6 F . -9.61 18.67 9.37
C04 ES6 F . -11.50 17.19 8.82
C05 ES6 F . -12.84 16.89 8.99
C06 ES6 F . -13.36 15.73 8.42
C07 ES6 F . -12.50 14.90 7.67
N08 ES6 F . -11.20 15.20 7.53
C09 ES6 F . -10.68 16.33 8.08
O10 ES6 F . -9.34 16.64 7.91
#